data_5W06
#
_entry.id   5W06
#
_cell.length_a   68.100
_cell.length_b   175.560
_cell.length_c   63.310
_cell.angle_alpha   90.00
_cell.angle_beta   90.00
_cell.angle_gamma   90.00
#
_symmetry.space_group_name_H-M   'P 21 21 2'
#
loop_
_entity.id
_entity.type
_entity.pdbx_description
1 polymer 'Tissue factor'
2 polymer 'M1587 FAB LIGHT CHAIN'
3 polymer 'M1587 FAB HEAVY CHAIN'
4 non-polymer GLYCEROL
5 water water
#
loop_
_entity_poly.entity_id
_entity_poly.type
_entity_poly.pdbx_seq_one_letter_code
_entity_poly.pdbx_strand_id
1 'polypeptide(L)'
;NTVAAYNLTWKSTNFKTILEWEPKPVNQVYTVQISTKSGDWKSKCFYTTDTECDLTDEIVKDVKQTYLARVFSYPAGNVE
STGSAGEPLYENSPEFTPYLETNLGQPTIQSFEQVGTKVNVTVEDERTLVRRNNTFLSLRDVFGKDLIYTLYYWKSSSSG
KKTAKTNTNEFLIDVDKGENYCFSVQAVIPSRTVNRKSTDSPVECMGQEHHHHHH
;
T
2 'polypeptide(L)'
;DIVMTQTPLSLPVTPGEPASISCKSSQSLLSSGNQKNYLTWYLQKPGQSPQLLIYWASTRESGVPDRFSGSGSGTDFTLK
ISRVEAEDVGVYYCQNDYTYPLTFGQGTKLEIKRTVAAPSVFIFPPSDEQLKSGTASVVCLLNNFYPREAKVQWKVDNAL
QSGNSQESVTEQDSKDSTYSLSSTLTLSKADYEKHKVYACEVTHQGLSSPVTKSFNRGEC
;
L
3 'polypeptide(L)'
;EVQLVQSGAEVKKPGESLRISCKGSGYTFIPYWIEWVRQMPGKGLEWMGDILPGSGFTTYSPSFQGHVTISADKSISTAY
LQWSSLKASDTAMYYCARSGYYGNSGFAYWGQGTLVTVSSASTKGPSVFPLAPSSKSTSGGTAALGCLVKDYFPEPVTVS
WNSGALTSGVHTFPAVLQSSGLYSLSSVVTVPSSSLGTQTYICNVNHKPSNTKVDKKVEPKSCHHHHHH
;
H
#
loop_
_chem_comp.id
_chem_comp.type
_chem_comp.name
_chem_comp.formula
GOL non-polymer GLYCEROL 'C3 H8 O3'
#
# COMPACT_ATOMS: atom_id res chain seq x y z
N ASN A 1 -59.22 -4.30 2.91
CA ASN A 1 -59.37 -3.26 3.98
C ASN A 1 -58.04 -2.65 4.41
N THR A 2 -56.95 -3.40 4.24
CA THR A 2 -55.59 -2.94 4.58
C THR A 2 -54.96 -2.10 3.49
N VAL A 3 -54.30 -1.02 3.91
CA VAL A 3 -53.57 -0.12 3.01
C VAL A 3 -52.08 -0.42 3.14
N ALA A 4 -51.42 -0.63 1.99
CA ALA A 4 -49.97 -0.78 1.94
C ALA A 4 -49.27 0.53 2.25
N ALA A 5 -48.14 0.44 2.95
CA ALA A 5 -47.31 1.59 3.29
C ALA A 5 -46.74 2.26 2.03
N TYR A 6 -46.60 3.58 2.09
CA TYR A 6 -46.03 4.36 0.98
C TYR A 6 -45.33 5.62 1.49
N ASN A 7 -44.52 6.22 0.62
CA ASN A 7 -43.62 7.35 0.95
C ASN A 7 -42.66 7.01 2.10
N LEU A 8 -42.05 5.83 1.97
CA LEU A 8 -41.02 5.37 2.90
C LEU A 8 -39.78 6.23 2.73
N THR A 9 -39.37 6.87 3.84
CA THR A 9 -38.23 7.79 3.84
C THR A 9 -37.39 7.66 5.11
N TRP A 10 -36.08 7.78 4.94
CA TRP A 10 -35.13 7.80 6.06
C TRP A 10 -34.92 9.23 6.56
N LYS A 11 -35.06 9.41 7.88
CA LYS A 11 -34.69 10.64 8.57
C LYS A 11 -33.48 10.33 9.44
N SER A 12 -32.33 10.90 9.08
CA SER A 12 -31.07 10.60 9.75
C SER A 12 -30.23 11.83 10.06
N THR A 13 -29.88 11.97 11.33
CA THR A 13 -29.02 13.06 11.81
C THR A 13 -28.02 12.50 12.81
N ASN A 14 -26.74 12.75 12.56
CA ASN A 14 -25.62 12.21 13.36
C ASN A 14 -25.72 10.71 13.66
N PHE A 15 -26.18 9.97 12.64
CA PHE A 15 -26.41 8.52 12.67
C PHE A 15 -27.66 8.05 13.47
N LYS A 16 -28.32 8.97 14.16
CA LYS A 16 -29.67 8.69 14.70
C LYS A 16 -30.64 8.61 13.51
N THR A 17 -31.11 7.40 13.25
CA THR A 17 -31.83 7.07 12.03
C THR A 17 -33.23 6.55 12.35
N ILE A 18 -34.21 7.20 11.73
CA ILE A 18 -35.62 6.82 11.85
C ILE A 18 -36.20 6.65 10.45
N LEU A 19 -36.87 5.52 10.23
CA LEU A 19 -37.68 5.30 9.01
C LEU A 19 -39.10 5.81 9.24
N GLU A 20 -39.65 6.50 8.25
CA GLU A 20 -41.01 7.07 8.31
C GLU A 20 -41.84 6.66 7.11
N TRP A 21 -43.16 6.54 7.30
CA TRP A 21 -44.08 6.16 6.22
C TRP A 21 -45.49 6.72 6.39
N GLU A 22 -46.31 6.50 5.36
CA GLU A 22 -47.75 6.81 5.34
C GLU A 22 -48.51 5.49 5.10
N PRO A 23 -49.78 5.39 5.48
CA PRO A 23 -50.57 6.45 6.12
C PRO A 23 -50.71 6.28 7.63
N LYS A 24 -51.32 7.26 8.30
CA LYS A 24 -51.74 7.12 9.69
C LYS A 24 -52.83 6.03 9.76
N PRO A 25 -52.54 4.91 10.46
CA PRO A 25 -53.32 3.66 10.31
C PRO A 25 -54.72 3.68 10.91
N VAL A 26 -55.65 3.03 10.21
CA VAL A 26 -57.01 2.78 10.70
C VAL A 26 -57.34 1.29 10.61
N ASN A 27 -57.55 0.68 11.78
CA ASN A 27 -57.81 -0.76 11.95
C ASN A 27 -56.64 -1.66 11.47
N GLN A 28 -55.43 -1.09 11.43
CA GLN A 28 -54.24 -1.82 10.98
C GLN A 28 -52.96 -1.50 11.75
N VAL A 29 -52.01 -2.44 11.72
CA VAL A 29 -50.70 -2.30 12.36
C VAL A 29 -49.55 -2.57 11.38
N TYR A 30 -48.33 -2.21 11.77
CA TYR A 30 -47.15 -2.32 10.92
C TYR A 30 -46.00 -3.11 11.54
N THR A 31 -45.27 -3.87 10.71
CA THR A 31 -44.00 -4.46 11.10
C THR A 31 -42.90 -4.01 10.13
N VAL A 32 -41.83 -3.45 10.69
CA VAL A 32 -40.67 -2.98 9.93
C VAL A 32 -39.57 -4.03 9.95
N GLN A 33 -39.02 -4.31 8.78
CA GLN A 33 -37.84 -5.16 8.65
C GLN A 33 -36.67 -4.38 8.07
N ILE A 34 -35.46 -4.73 8.51
CA ILE A 34 -34.22 -4.15 8.02
C ILE A 34 -33.24 -5.26 7.63
N SER A 35 -32.50 -5.02 6.54
CA SER A 35 -31.40 -5.90 6.14
C SER A 35 -30.29 -5.14 5.44
N THR A 36 -29.07 -5.65 5.60
CA THR A 36 -27.96 -5.32 4.72
C THR A 36 -28.25 -5.96 3.36
N LYS A 37 -27.89 -5.26 2.29
CA LYS A 37 -28.25 -5.63 0.91
C LYS A 37 -27.99 -7.10 0.52
N SER A 38 -26.90 -7.66 1.05
CA SER A 38 -26.55 -9.08 0.82
C SER A 38 -27.13 -10.01 1.90
N GLY A 39 -27.19 -9.53 3.13
CA GLY A 39 -27.62 -10.34 4.29
C GLY A 39 -29.12 -10.59 4.41
N ASP A 40 -29.54 -11.04 5.59
CA ASP A 40 -30.91 -11.46 5.85
C ASP A 40 -31.75 -10.39 6.58
N TRP A 41 -33.07 -10.47 6.35
CA TRP A 41 -34.05 -9.57 6.99
C TRP A 41 -34.15 -9.80 8.50
N LYS A 42 -34.38 -8.70 9.23
CA LYS A 42 -34.57 -8.74 10.67
C LYS A 42 -35.66 -7.74 11.06
N SER A 43 -36.65 -8.23 11.81
CA SER A 43 -37.78 -7.42 12.26
C SER A 43 -37.40 -6.59 13.48
N LYS A 44 -37.83 -5.33 13.51
CA LYS A 44 -37.44 -4.38 14.56
C LYS A 44 -38.61 -3.75 15.32
N CYS A 45 -39.56 -3.18 14.58
CA CYS A 45 -40.79 -2.63 15.15
C CYS A 45 -41.92 -3.61 14.88
N PHE A 46 -42.49 -4.16 15.95
CA PHE A 46 -43.46 -5.26 15.87
C PHE A 46 -44.89 -4.79 16.09
N TYR A 47 -45.75 -5.05 15.10
CA TYR A 47 -47.20 -4.78 15.16
C TYR A 47 -47.59 -3.42 15.78
N THR A 48 -46.88 -2.38 15.35
CA THR A 48 -47.02 -1.02 15.89
C THR A 48 -48.10 -0.21 15.16
N THR A 49 -48.64 0.79 15.87
CA THR A 49 -49.58 1.76 15.30
C THR A 49 -48.86 3.06 14.90
N ASP A 50 -47.57 3.13 15.19
CA ASP A 50 -46.74 4.29 14.83
C ASP A 50 -46.42 4.31 13.35
N THR A 51 -46.21 5.51 12.80
CA THR A 51 -45.80 5.69 11.41
C THR A 51 -44.28 5.93 11.30
N GLU A 52 -43.56 5.64 12.38
CA GLU A 52 -42.10 5.73 12.41
C GLU A 52 -41.46 4.60 13.23
N CYS A 53 -40.18 4.32 12.94
CA CYS A 53 -39.42 3.26 13.62
C CYS A 53 -37.96 3.67 13.80
N ASP A 54 -37.48 3.59 15.05
CA ASP A 54 -36.09 3.90 15.38
C ASP A 54 -35.21 2.71 15.03
N LEU A 55 -34.25 2.95 14.13
CA LEU A 55 -33.38 1.90 13.62
C LEU A 55 -31.88 2.19 13.84
N THR A 56 -31.60 3.13 14.76
CA THR A 56 -30.25 3.57 15.09
C THR A 56 -29.36 2.41 15.54
N ASP A 57 -29.86 1.61 16.48
CA ASP A 57 -29.16 0.44 17.04
C ASP A 57 -28.67 -0.58 16.00
N GLU A 58 -29.40 -0.69 14.89
CA GLU A 58 -29.00 -1.55 13.77
C GLU A 58 -27.92 -0.91 12.90
N ILE A 59 -28.10 0.36 12.56
CA ILE A 59 -27.19 1.04 11.61
C ILE A 59 -25.83 1.42 12.23
N VAL A 60 -25.78 1.61 13.55
CA VAL A 60 -24.51 1.94 14.25
C VAL A 60 -23.51 0.78 14.29
N LYS A 61 -24.00 -0.44 14.01
CA LYS A 61 -23.16 -1.65 13.94
C LYS A 61 -22.20 -1.62 12.75
N ASP A 62 -22.65 -1.05 11.62
CA ASP A 62 -21.84 -0.82 10.42
C ASP A 62 -22.39 0.36 9.64
N VAL A 63 -21.76 1.52 9.80
CA VAL A 63 -22.22 2.76 9.16
C VAL A 63 -21.83 2.87 7.67
N LYS A 64 -20.90 2.01 7.25
CA LYS A 64 -20.45 1.95 5.85
C LYS A 64 -21.05 0.75 5.11
N GLN A 65 -22.32 0.49 5.41
CA GLN A 65 -23.12 -0.57 4.81
C GLN A 65 -24.32 0.08 4.10
N THR A 66 -24.80 -0.53 3.03
CA THR A 66 -26.06 -0.10 2.39
C THR A 66 -27.23 -0.90 2.98
N TYR A 67 -28.17 -0.18 3.59
CA TYR A 67 -29.34 -0.76 4.23
C TYR A 67 -30.61 -0.65 3.41
N LEU A 68 -31.42 -1.71 3.46
CA LEU A 68 -32.76 -1.73 2.89
C LEU A 68 -33.79 -1.95 4.00
N ALA A 69 -34.99 -1.39 3.78
CA ALA A 69 -36.10 -1.57 4.70
C ALA A 69 -37.41 -1.89 3.98
N ARG A 70 -38.28 -2.61 4.67
CA ARG A 70 -39.64 -2.90 4.20
C ARG A 70 -40.64 -2.80 5.34
N VAL A 71 -41.85 -2.35 5.02
CA VAL A 71 -42.93 -2.20 6.00
C VAL A 71 -44.10 -3.09 5.57
N PHE A 72 -44.46 -4.04 6.43
CA PHE A 72 -45.64 -4.91 6.22
C PHE A 72 -46.88 -4.30 6.87
N SER A 73 -48.05 -4.56 6.27
CA SER A 73 -49.34 -4.14 6.83
C SER A 73 -50.19 -5.34 7.25
N TYR A 74 -50.73 -5.29 8.47
CA TYR A 74 -51.58 -6.34 9.03
C TYR A 74 -52.87 -5.75 9.61
N PRO A 75 -54.01 -6.48 9.54
CA PRO A 75 -55.24 -5.97 10.17
C PRO A 75 -55.21 -6.09 11.69
N ALA A 76 -55.88 -5.16 12.39
CA ALA A 76 -55.95 -5.16 13.85
C ALA A 76 -57.17 -5.93 14.35
N GLU A 87 -51.65 -13.71 1.59
CA GLU A 87 -50.42 -12.99 1.26
C GLU A 87 -50.45 -11.58 1.88
N PRO A 88 -49.42 -11.25 2.70
CA PRO A 88 -49.36 -9.92 3.35
C PRO A 88 -48.77 -8.82 2.45
N LEU A 89 -49.34 -7.62 2.55
CA LEU A 89 -48.91 -6.46 1.75
C LEU A 89 -47.67 -5.78 2.33
N TYR A 90 -46.77 -5.37 1.44
CA TYR A 90 -45.53 -4.70 1.82
C TYR A 90 -45.02 -3.69 0.79
N GLU A 91 -44.08 -2.84 1.24
CA GLU A 91 -43.41 -1.86 0.40
C GLU A 91 -41.94 -1.78 0.79
N ASN A 92 -41.07 -1.65 -0.21
CA ASN A 92 -39.64 -1.46 -0.01
C ASN A 92 -39.27 0.01 0.09
N SER A 93 -38.27 0.30 0.93
CA SER A 93 -37.72 1.65 1.08
C SER A 93 -36.66 1.94 0.00
N PRO A 94 -36.30 3.23 -0.20
CA PRO A 94 -35.03 3.51 -0.91
C PRO A 94 -33.81 3.06 -0.09
N GLU A 95 -32.73 2.77 -0.80
CA GLU A 95 -31.48 2.31 -0.18
C GLU A 95 -30.83 3.42 0.64
N PHE A 96 -30.18 3.03 1.74
CA PHE A 96 -29.58 3.98 2.67
C PHE A 96 -28.19 3.57 3.15
N THR A 97 -27.20 4.39 2.83
CA THR A 97 -25.82 4.22 3.29
C THR A 97 -25.51 5.35 4.28
N PRO A 98 -25.52 5.04 5.60
CA PRO A 98 -25.44 6.06 6.66
C PRO A 98 -24.25 7.03 6.51
N TYR A 99 -23.05 6.49 6.28
CA TYR A 99 -21.83 7.31 6.19
C TYR A 99 -21.91 8.44 5.15
N LEU A 100 -22.53 8.16 4.00
CA LEU A 100 -22.64 9.13 2.91
C LEU A 100 -23.88 10.01 2.96
N GLU A 101 -24.91 9.54 3.66
CA GLU A 101 -26.25 10.16 3.55
C GLU A 101 -26.79 10.82 4.82
N THR A 102 -26.27 10.46 5.99
CA THR A 102 -26.74 11.03 7.27
C THR A 102 -26.43 12.53 7.36
N ASN A 103 -27.44 13.31 7.74
CA ASN A 103 -27.28 14.76 7.88
C ASN A 103 -26.36 15.06 9.06
N LEU A 104 -25.37 15.92 8.80
CA LEU A 104 -24.52 16.46 9.86
C LEU A 104 -25.39 17.40 10.68
N GLY A 105 -25.40 17.18 11.99
CA GLY A 105 -26.18 18.00 12.92
C GLY A 105 -25.67 19.41 13.07
N GLN A 106 -26.37 20.21 13.88
CA GLN A 106 -26.00 21.59 14.15
C GLN A 106 -24.70 21.65 14.96
N PRO A 107 -23.64 22.28 14.41
CA PRO A 107 -22.41 22.44 15.17
C PRO A 107 -22.54 23.54 16.22
N THR A 108 -21.58 23.61 17.14
CA THR A 108 -21.54 24.65 18.16
C THR A 108 -20.14 25.25 18.20
N ILE A 109 -20.09 26.59 18.24
CA ILE A 109 -18.83 27.31 18.46
C ILE A 109 -18.45 27.14 19.93
N GLN A 110 -17.30 26.50 20.14
CA GLN A 110 -16.79 26.20 21.48
C GLN A 110 -16.27 27.45 22.19
N SER A 111 -15.38 28.18 21.51
CA SER A 111 -14.74 29.38 22.06
C SER A 111 -14.26 30.31 20.95
N PHE A 112 -14.27 31.61 21.25
CA PHE A 112 -13.60 32.61 20.43
C PHE A 112 -12.74 33.51 21.29
N GLU A 113 -11.46 33.62 20.91
CA GLU A 113 -10.48 34.38 21.69
C GLU A 113 -9.72 35.35 20.79
N GLN A 114 -9.44 36.53 21.32
CA GLN A 114 -8.72 37.58 20.61
C GLN A 114 -7.21 37.41 20.83
N VAL A 115 -6.51 36.89 19.82
CA VAL A 115 -5.07 36.64 19.88
C VAL A 115 -4.34 37.68 19.02
N GLY A 116 -3.93 38.78 19.67
CA GLY A 116 -3.24 39.89 19.01
C GLY A 116 -4.13 40.65 18.06
N THR A 117 -3.78 40.63 16.78
CA THR A 117 -4.60 41.20 15.70
C THR A 117 -5.40 40.12 14.95
N LYS A 118 -5.52 38.95 15.57
CA LYS A 118 -6.25 37.81 15.03
C LYS A 118 -7.25 37.23 16.04
N VAL A 119 -8.28 36.54 15.54
CA VAL A 119 -9.24 35.84 16.39
C VAL A 119 -9.19 34.34 16.11
N ASN A 120 -9.08 33.56 17.18
CA ASN A 120 -9.13 32.11 17.12
C ASN A 120 -10.55 31.62 17.46
N VAL A 121 -11.18 30.94 16.51
CA VAL A 121 -12.51 30.37 16.71
C VAL A 121 -12.41 28.84 16.64
N THR A 122 -12.93 28.19 17.69
CA THR A 122 -12.88 26.72 17.80
C THR A 122 -14.28 26.12 17.76
N VAL A 123 -14.43 25.02 17.02
CA VAL A 123 -15.69 24.30 16.90
C VAL A 123 -15.67 23.08 17.83
N GLU A 124 -16.80 22.85 18.52
CA GLU A 124 -16.99 21.65 19.34
C GLU A 124 -16.89 20.39 18.50
N ASP A 125 -16.17 19.39 19.02
CA ASP A 125 -16.13 18.07 18.39
C ASP A 125 -17.37 17.30 18.85
N GLU A 126 -18.39 17.36 18.00
CA GLU A 126 -19.74 16.87 18.31
C GLU A 126 -19.82 15.35 18.41
N ARG A 127 -20.38 14.88 19.52
CA ARG A 127 -20.60 13.46 19.79
C ARG A 127 -21.70 12.88 18.92
N THR A 128 -21.48 11.65 18.45
CA THR A 128 -22.48 10.89 17.69
C THR A 128 -22.96 9.69 18.53
N LEU A 129 -23.85 8.88 17.95
CA LEU A 129 -24.37 7.69 18.63
C LEU A 129 -23.58 6.41 18.30
N VAL A 130 -22.61 6.53 17.39
CA VAL A 130 -21.71 5.43 17.01
C VAL A 130 -20.82 5.07 18.21
N ARG A 131 -20.84 3.80 18.59
CA ARG A 131 -20.13 3.33 19.79
C ARG A 131 -19.10 2.24 19.50
N ARG A 132 -17.87 2.46 19.98
CA ARG A 132 -16.78 1.49 19.94
C ARG A 132 -16.34 1.22 21.39
N ASN A 133 -16.69 0.03 21.88
CA ASN A 133 -16.48 -0.38 23.30
C ASN A 133 -17.15 0.62 24.27
N ASN A 134 -16.34 1.40 24.98
CA ASN A 134 -16.82 2.43 25.91
C ASN A 134 -16.48 3.85 25.45
N THR A 135 -16.44 4.04 24.13
CA THR A 135 -16.20 5.34 23.52
C THR A 135 -17.35 5.68 22.58
N PHE A 136 -18.01 6.80 22.84
CA PHE A 136 -18.97 7.36 21.88
C PHE A 136 -18.21 8.28 20.94
N LEU A 137 -18.17 7.87 19.67
CA LEU A 137 -17.37 8.53 18.64
C LEU A 137 -17.85 9.95 18.32
N SER A 138 -16.89 10.86 18.17
CA SER A 138 -17.15 12.20 17.69
C SER A 138 -17.22 12.22 16.16
N LEU A 139 -17.62 13.35 15.58
CA LEU A 139 -17.66 13.53 14.12
C LEU A 139 -16.30 13.34 13.45
N ARG A 140 -15.24 13.85 14.09
CA ARG A 140 -13.87 13.66 13.63
C ARG A 140 -13.45 12.19 13.68
N ASP A 141 -13.90 11.46 14.70
CA ASP A 141 -13.65 10.01 14.83
C ASP A 141 -14.21 9.19 13.66
N VAL A 142 -15.42 9.56 13.20
CA VAL A 142 -16.11 8.86 12.11
C VAL A 142 -15.57 9.27 10.74
N PHE A 143 -15.43 10.57 10.51
CA PHE A 143 -15.12 11.10 9.18
C PHE A 143 -13.64 11.36 8.87
N GLY A 144 -12.85 11.70 9.89
CA GLY A 144 -11.42 11.98 9.74
C GLY A 144 -11.14 13.16 8.82
N LYS A 145 -10.30 12.91 7.80
CA LYS A 145 -9.94 13.89 6.76
C LYS A 145 -11.13 14.45 5.98
N ASP A 146 -12.21 13.66 5.88
CA ASP A 146 -13.39 14.01 5.10
C ASP A 146 -14.13 15.24 5.65
N LEU A 147 -14.09 15.43 6.97
CA LEU A 147 -14.75 16.55 7.64
C LEU A 147 -13.97 17.85 7.53
N ILE A 148 -14.70 18.92 7.20
CA ILE A 148 -14.18 20.27 7.00
C ILE A 148 -15.18 21.26 7.61
N TYR A 149 -14.68 22.40 8.09
CA TYR A 149 -15.55 23.46 8.64
C TYR A 149 -15.43 24.79 7.89
N THR A 150 -16.58 25.45 7.71
CA THR A 150 -16.67 26.77 7.07
C THR A 150 -17.17 27.80 8.08
N LEU A 151 -16.55 28.97 8.07
CA LEU A 151 -16.92 30.07 8.95
C LEU A 151 -17.51 31.26 8.18
N TYR A 152 -18.60 31.82 8.73
CA TYR A 152 -19.15 33.11 8.30
C TYR A 152 -18.91 34.13 9.40
N TYR A 153 -18.26 35.25 9.03
CA TYR A 153 -17.94 36.32 9.96
C TYR A 153 -18.16 37.71 9.38
N TRP A 154 -18.83 38.56 10.17
CA TRP A 154 -19.23 39.91 9.75
C TRP A 154 -19.15 40.94 10.89
N LYS A 155 -19.12 42.22 10.52
CA LYS A 155 -19.05 43.34 11.46
C LYS A 155 -20.42 43.84 11.91
N SER A 156 -20.43 44.87 12.78
CA SER A 156 -21.65 45.55 13.23
C SER A 156 -22.37 46.25 12.07
N SER A 157 -21.61 46.87 11.18
CA SER A 157 -22.11 47.36 9.90
C SER A 157 -21.75 46.34 8.82
N SER A 158 -22.73 45.48 8.50
CA SER A 158 -22.53 44.34 7.61
C SER A 158 -22.35 44.74 6.14
N SER A 159 -21.10 44.72 5.70
CA SER A 159 -20.75 45.01 4.30
C SER A 159 -20.40 43.72 3.55
N GLY A 160 -21.28 42.72 3.70
CA GLY A 160 -21.08 41.38 3.12
C GLY A 160 -20.36 40.45 4.09
N LYS A 161 -20.85 39.22 4.17
CA LYS A 161 -20.31 38.20 5.07
C LYS A 161 -19.08 37.54 4.43
N LYS A 162 -17.95 37.57 5.15
CA LYS A 162 -16.69 36.97 4.67
C LYS A 162 -16.59 35.49 5.06
N THR A 163 -15.80 34.73 4.30
CA THR A 163 -15.72 33.28 4.48
C THR A 163 -14.30 32.74 4.75
N ALA A 164 -14.22 31.72 5.61
CA ALA A 164 -12.99 30.99 5.92
C ALA A 164 -13.23 29.49 5.99
N LYS A 165 -12.20 28.71 5.66
CA LYS A 165 -12.26 27.24 5.69
C LYS A 165 -11.13 26.65 6.51
N THR A 166 -11.40 25.53 7.19
CA THR A 166 -10.36 24.79 7.92
C THR A 166 -10.52 23.26 7.81
N ASN A 167 -9.38 22.57 7.76
CA ASN A 167 -9.35 21.10 7.78
C ASN A 167 -9.48 20.56 9.21
N THR A 168 -9.18 21.41 10.19
CA THR A 168 -9.20 21.05 11.61
C THR A 168 -10.52 21.53 12.25
N ASN A 169 -10.45 21.85 13.55
CA ASN A 169 -11.58 22.42 14.29
C ASN A 169 -11.35 23.90 14.66
N GLU A 170 -10.29 24.50 14.13
CA GLU A 170 -9.86 25.85 14.51
C GLU A 170 -9.67 26.81 13.33
N PHE A 171 -10.16 28.04 13.50
CA PHE A 171 -9.97 29.12 12.51
C PHE A 171 -9.02 30.21 13.03
N LEU A 172 -8.14 30.68 12.14
CA LEU A 172 -7.30 31.86 12.40
C LEU A 172 -7.56 32.96 11.36
N ILE A 173 -8.25 34.01 11.79
CA ILE A 173 -8.70 35.08 10.90
C ILE A 173 -8.15 36.46 11.25
N ASP A 174 -7.83 37.25 10.22
CA ASP A 174 -7.38 38.63 10.37
C ASP A 174 -8.56 39.56 10.66
N VAL A 175 -8.47 40.30 11.76
CA VAL A 175 -9.54 41.21 12.21
C VAL A 175 -9.06 42.66 12.36
N ASP A 176 -10.02 43.58 12.41
CA ASP A 176 -9.75 45.01 12.64
C ASP A 176 -9.97 45.38 14.11
N LYS A 177 -9.10 46.24 14.63
CA LYS A 177 -9.12 46.68 16.04
C LYS A 177 -10.39 47.45 16.42
N GLY A 178 -10.96 47.09 17.56
CA GLY A 178 -12.15 47.74 18.10
C GLY A 178 -13.48 47.23 17.57
N GLU A 179 -13.45 46.57 16.42
CA GLU A 179 -14.65 46.05 15.75
C GLU A 179 -15.17 44.79 16.42
N ASN A 180 -16.44 44.81 16.80
CA ASN A 180 -17.12 43.65 17.37
C ASN A 180 -17.68 42.76 16.26
N TYR A 181 -17.17 41.52 16.21
CA TYR A 181 -17.55 40.55 15.19
C TYR A 181 -18.56 39.52 15.69
N CYS A 182 -19.37 39.02 14.74
CA CYS A 182 -20.29 37.92 14.99
C CYS A 182 -19.91 36.70 14.14
N PHE A 183 -20.07 35.51 14.73
CA PHE A 183 -19.54 34.27 14.17
C PHE A 183 -20.58 33.18 13.99
N SER A 184 -20.48 32.48 12.85
CA SER A 184 -21.33 31.32 12.55
C SER A 184 -20.52 30.24 11.83
N VAL A 185 -20.72 28.99 12.25
CA VAL A 185 -19.94 27.87 11.72
C VAL A 185 -20.81 26.76 11.07
N GLN A 186 -20.19 26.02 10.14
CA GLN A 186 -20.88 25.00 9.35
C GLN A 186 -19.98 23.78 9.12
N ALA A 187 -20.54 22.59 9.29
CA ALA A 187 -19.83 21.32 8.97
C ALA A 187 -20.03 20.92 7.50
N VAL A 188 -18.93 20.63 6.81
CA VAL A 188 -18.95 20.25 5.40
C VAL A 188 -18.17 18.95 5.16
N ILE A 189 -18.81 18.00 4.47
CA ILE A 189 -18.12 16.84 3.85
C ILE A 189 -18.14 17.07 2.33
N PRO A 190 -17.08 17.70 1.78
CA PRO A 190 -17.03 18.06 0.35
C PRO A 190 -17.18 16.89 -0.64
N SER A 191 -16.79 15.69 -0.21
CA SER A 191 -16.76 14.51 -1.07
C SER A 191 -18.10 13.78 -1.23
N ARG A 192 -19.15 14.26 -0.56
CA ARG A 192 -20.48 13.65 -0.66
C ARG A 192 -21.21 14.08 -1.94
N THR A 193 -22.20 13.28 -2.33
CA THR A 193 -23.15 13.66 -3.39
C THR A 193 -24.24 14.52 -2.76
N VAL A 194 -24.83 14.01 -1.68
CA VAL A 194 -25.96 14.63 -1.00
C VAL A 194 -25.57 15.04 0.42
N ASN A 195 -26.33 15.98 1.00
CA ASN A 195 -26.20 16.43 2.39
C ASN A 195 -24.77 16.78 2.78
N ARG A 196 -24.14 17.63 1.97
CA ARG A 196 -22.74 18.00 2.14
C ARG A 196 -22.54 18.98 3.30
N LYS A 197 -23.47 19.91 3.46
CA LYS A 197 -23.37 20.95 4.47
C LYS A 197 -24.39 20.77 5.58
N SER A 198 -23.96 21.00 6.82
CA SER A 198 -24.86 21.03 7.98
C SER A 198 -25.65 22.34 8.01
N THR A 199 -26.63 22.41 8.92
CA THR A 199 -27.28 23.68 9.25
C THR A 199 -26.30 24.59 10.02
N ASP A 200 -26.56 25.89 10.01
CA ASP A 200 -25.70 26.88 10.68
C ASP A 200 -25.69 26.73 12.19
N SER A 201 -24.53 26.98 12.80
CA SER A 201 -24.39 27.06 14.26
C SER A 201 -25.09 28.32 14.79
N PRO A 202 -25.55 28.30 16.06
CA PRO A 202 -26.01 29.54 16.70
C PRO A 202 -24.94 30.63 16.65
N VAL A 203 -25.37 31.86 16.41
CA VAL A 203 -24.46 33.00 16.23
C VAL A 203 -23.85 33.42 17.57
N GLU A 204 -22.52 33.50 17.59
CA GLU A 204 -21.76 33.95 18.76
C GLU A 204 -21.09 35.29 18.44
N CYS A 205 -21.40 36.30 19.23
CA CYS A 205 -20.89 37.65 18.99
C CYS A 205 -19.92 38.12 20.07
N MET A 206 -18.91 38.89 19.66
CA MET A 206 -17.96 39.52 20.57
C MET A 206 -18.67 40.59 21.41
N GLY A 207 -18.65 40.39 22.72
CA GLY A 207 -19.37 41.26 23.67
C GLY A 207 -20.81 40.84 23.88
N GLN A 208 -21.03 39.52 23.96
CA GLN A 208 -22.36 38.94 24.18
C GLN A 208 -22.26 37.61 24.94
N ASP B 1 3.45 19.70 2.11
CA ASP B 1 3.68 18.25 2.38
C ASP B 1 4.30 18.04 3.75
N ILE B 2 3.75 17.10 4.52
CA ILE B 2 4.36 16.66 5.77
C ILE B 2 5.41 15.59 5.45
N VAL B 3 6.66 15.88 5.81
CA VAL B 3 7.78 14.95 5.60
C VAL B 3 7.83 13.95 6.76
N MET B 4 7.95 12.67 6.42
CA MET B 4 8.10 11.60 7.41
C MET B 4 9.53 11.05 7.37
N THR B 5 10.20 11.10 8.53
CA THR B 5 11.60 10.67 8.66
C THR B 5 11.69 9.44 9.55
N GLN B 6 12.33 8.38 9.03
CA GLN B 6 12.49 7.13 9.75
C GLN B 6 13.95 6.85 10.11
N THR B 7 14.18 6.50 11.38
CA THR B 7 15.49 6.04 11.87
C THR B 7 15.34 4.75 12.70
N PRO B 8 16.20 3.74 12.48
CA PRO B 8 17.23 3.77 11.44
C PRO B 8 16.70 3.33 10.07
N LEU B 9 17.54 3.38 9.04
CA LEU B 9 17.19 2.91 7.70
C LEU B 9 17.17 1.38 7.61
N SER B 10 18.09 0.75 8.35
CA SER B 10 18.21 -0.70 8.42
C SER B 10 18.35 -1.14 9.89
N LEU B 11 17.69 -2.24 10.24
CA LEU B 11 17.68 -2.73 11.63
C LEU B 11 17.84 -4.26 11.73
N PRO B 12 19.07 -4.72 12.08
CA PRO B 12 19.31 -6.14 12.35
C PRO B 12 18.93 -6.50 13.78
N VAL B 13 18.08 -7.52 13.93
CA VAL B 13 17.59 -7.97 15.23
C VAL B 13 17.76 -9.49 15.37
N THR B 14 18.42 -9.89 16.46
CA THR B 14 18.57 -11.30 16.85
C THR B 14 17.19 -11.88 17.24
N PRO B 15 16.87 -13.13 16.84
CA PRO B 15 15.56 -13.71 17.20
C PRO B 15 15.30 -13.69 18.71
N GLY B 16 14.09 -13.28 19.09
CA GLY B 16 13.66 -13.30 20.49
C GLY B 16 13.82 -12.00 21.27
N GLU B 17 14.59 -11.06 20.73
CA GLU B 17 14.86 -9.79 21.42
C GLU B 17 14.07 -8.59 20.84
N PRO B 18 13.92 -7.48 21.61
CA PRO B 18 13.11 -6.35 21.14
C PRO B 18 13.67 -5.54 19.96
N ALA B 19 12.77 -4.85 19.27
CA ALA B 19 13.11 -3.94 18.16
C ALA B 19 12.34 -2.62 18.29
N SER B 20 13.01 -1.53 17.95
CA SER B 20 12.45 -0.18 18.09
C SER B 20 12.74 0.67 16.85
N ILE B 21 11.67 1.07 16.16
CA ILE B 21 11.74 1.91 14.96
C ILE B 21 11.11 3.27 15.29
N SER B 22 11.79 4.35 14.91
CA SER B 22 11.34 5.72 15.18
C SER B 22 10.89 6.44 13.92
N CYS B 23 9.78 7.17 14.03
CA CYS B 23 9.26 8.01 12.95
C CYS B 23 9.04 9.45 13.44
N LYS B 24 9.58 10.40 12.68
CA LYS B 24 9.45 11.83 12.98
C LYS B 24 8.72 12.56 11.86
N SER B 25 7.78 13.43 12.24
CA SER B 25 7.04 14.25 11.28
C SER B 25 7.41 15.74 11.38
N SER B 26 7.54 16.37 10.21
CA SER B 26 7.88 17.79 10.10
C SER B 26 6.79 18.72 10.66
N GLN B 27 5.54 18.25 10.61
CA GLN B 27 4.40 18.93 11.21
C GLN B 27 3.72 18.04 12.24
N SER B 28 2.99 18.65 13.17
CA SER B 28 2.25 17.93 14.20
C SER B 28 1.11 17.11 13.60
N LEU B 29 0.95 15.89 14.11
CA LEU B 29 -0.10 14.98 13.66
C LEU B 29 -1.22 14.80 14.71
N LEU B 30 -1.20 15.65 15.75
CA LEU B 30 -2.21 15.63 16.81
C LEU B 30 -3.42 16.50 16.46
N SER B 31 -4.60 15.89 16.55
CA SER B 31 -5.88 16.59 16.37
C SER B 31 -6.43 16.98 17.74
N SER B 32 -6.59 18.27 17.96
CA SER B 32 -6.94 18.86 19.27
C SER B 32 -8.32 18.45 19.80
N GLY B 33 -9.29 18.33 18.89
CA GLY B 33 -10.69 18.04 19.24
C GLY B 33 -10.91 16.70 19.92
N ASN B 34 -10.36 15.64 19.35
CA ASN B 34 -10.52 14.27 19.86
C ASN B 34 -9.24 13.68 20.48
N GLN B 35 -8.18 14.49 20.52
CA GLN B 35 -6.87 14.13 21.10
C GLN B 35 -6.28 12.84 20.52
N LYS B 36 -6.30 12.73 19.20
CA LYS B 36 -5.81 11.55 18.50
C LYS B 36 -4.67 11.91 17.56
N ASN B 37 -3.61 11.08 17.59
CA ASN B 37 -2.45 11.28 16.74
C ASN B 37 -2.61 10.41 15.50
N TYR B 38 -2.74 11.04 14.34
CA TYR B 38 -3.06 10.32 13.11
C TYR B 38 -1.81 9.84 12.37
N LEU B 39 -1.17 8.86 12.99
CA LEU B 39 -0.04 8.14 12.44
C LEU B 39 -0.43 6.68 12.18
N THR B 40 0.04 6.15 11.05
CA THR B 40 -0.27 4.79 10.62
C THR B 40 1.02 4.04 10.30
N TRP B 41 1.10 2.78 10.75
CA TRP B 41 2.25 1.91 10.49
C TRP B 41 1.90 0.77 9.54
N TYR B 42 2.85 0.43 8.68
CA TYR B 42 2.70 -0.69 7.73
C TYR B 42 3.91 -1.62 7.75
N LEU B 43 3.67 -2.89 7.40
CA LEU B 43 4.72 -3.85 7.12
C LEU B 43 4.60 -4.37 5.71
N GLN B 44 5.70 -4.29 4.95
CA GLN B 44 5.79 -4.95 3.65
C GLN B 44 6.82 -6.08 3.68
N LYS B 45 6.31 -7.31 3.72
CA LYS B 45 7.12 -8.52 3.67
C LYS B 45 7.69 -8.72 2.25
N PRO B 46 8.87 -9.37 2.13
CA PRO B 46 9.44 -9.61 0.78
C PRO B 46 8.49 -10.32 -0.17
N GLY B 47 8.34 -9.76 -1.37
CA GLY B 47 7.46 -10.28 -2.42
C GLY B 47 5.96 -10.21 -2.12
N GLN B 48 5.57 -9.29 -1.24
CA GLN B 48 4.18 -9.14 -0.79
C GLN B 48 3.69 -7.70 -0.84
N SER B 49 2.37 -7.53 -0.84
CA SER B 49 1.73 -6.23 -0.70
C SER B 49 1.88 -5.74 0.75
N PRO B 50 1.89 -4.40 0.97
CA PRO B 50 1.86 -3.85 2.33
C PRO B 50 0.66 -4.35 3.17
N GLN B 51 0.92 -4.51 4.47
CA GLN B 51 -0.09 -4.88 5.47
C GLN B 51 -0.28 -3.72 6.44
N LEU B 52 -1.52 -3.44 6.81
CA LEU B 52 -1.80 -2.52 7.91
C LEU B 52 -1.44 -3.18 9.25
N LEU B 53 -0.70 -2.46 10.09
CA LEU B 53 -0.35 -2.92 11.42
C LEU B 53 -1.05 -2.11 12.52
N ILE B 54 -0.81 -0.80 12.53
CA ILE B 54 -1.29 0.11 13.57
C ILE B 54 -1.81 1.42 12.97
N TYR B 55 -2.95 1.88 13.48
CA TYR B 55 -3.46 3.24 13.20
C TYR B 55 -3.68 4.02 14.50
N TRP B 56 -3.98 5.32 14.36
CA TRP B 56 -4.05 6.27 15.49
C TRP B 56 -2.83 6.23 16.42
N ALA B 57 -1.65 6.06 15.81
CA ALA B 57 -0.35 5.97 16.50
C ALA B 57 -0.13 4.75 17.40
N SER B 58 -1.20 4.20 17.99
CA SER B 58 -1.08 3.12 18.97
C SER B 58 -2.20 2.05 18.98
N THR B 59 -3.15 2.16 18.06
CA THR B 59 -4.27 1.21 17.99
C THR B 59 -3.98 0.12 16.96
N ARG B 60 -4.00 -1.13 17.42
CA ARG B 60 -3.76 -2.29 16.57
C ARG B 60 -4.98 -2.69 15.76
N GLU B 61 -4.74 -2.94 14.47
CA GLU B 61 -5.72 -3.56 13.56
C GLU B 61 -5.93 -5.01 14.00
N SER B 62 -7.18 -5.48 13.95
CA SER B 62 -7.51 -6.86 14.33
C SER B 62 -6.79 -7.87 13.45
N GLY B 63 -6.18 -8.87 14.09
CA GLY B 63 -5.31 -9.83 13.41
C GLY B 63 -3.83 -9.62 13.68
N VAL B 64 -3.46 -8.40 14.06
CA VAL B 64 -2.06 -8.04 14.36
C VAL B 64 -1.71 -8.48 15.79
N PRO B 65 -0.63 -9.29 15.95
CA PRO B 65 -0.20 -9.80 17.26
C PRO B 65 0.11 -8.71 18.28
N ASP B 66 -0.12 -9.02 19.56
CA ASP B 66 0.06 -8.07 20.66
C ASP B 66 1.52 -7.67 20.94
N ARG B 67 2.46 -8.35 20.27
CA ARG B 67 3.89 -8.01 20.35
C ARG B 67 4.24 -6.72 19.59
N PHE B 68 3.37 -6.29 18.68
CA PHE B 68 3.49 -4.98 18.01
C PHE B 68 2.79 -3.90 18.82
N SER B 69 3.48 -2.79 19.04
CA SER B 69 2.89 -1.65 19.75
C SER B 69 3.44 -0.31 19.25
N GLY B 70 2.55 0.68 19.18
CA GLY B 70 2.93 2.04 18.84
C GLY B 70 2.82 2.96 20.04
N SER B 71 3.59 4.05 20.01
CA SER B 71 3.55 5.12 21.00
C SER B 71 4.05 6.43 20.40
N GLY B 72 3.89 7.52 21.15
CA GLY B 72 4.35 8.84 20.73
C GLY B 72 3.24 9.86 20.59
N SER B 73 3.62 11.11 20.38
CA SER B 73 2.68 12.23 20.29
C SER B 73 3.24 13.37 19.47
N GLY B 74 2.34 14.09 18.78
CA GLY B 74 2.68 15.29 18.03
C GLY B 74 3.56 15.06 16.82
N THR B 75 4.87 15.02 17.05
CA THR B 75 5.87 14.90 15.97
C THR B 75 6.77 13.67 16.09
N ASP B 76 6.92 13.13 17.30
CA ASP B 76 7.80 11.98 17.56
C ASP B 76 7.02 10.72 17.89
N PHE B 77 7.29 9.64 17.15
CA PHE B 77 6.54 8.39 17.23
C PHE B 77 7.46 7.17 17.17
N THR B 78 7.02 6.07 17.78
CA THR B 78 7.82 4.84 17.89
C THR B 78 6.96 3.60 17.68
N LEU B 79 7.50 2.63 16.94
CA LEU B 79 6.93 1.28 16.83
C LEU B 79 7.84 0.27 17.51
N LYS B 80 7.28 -0.49 18.44
CA LYS B 80 8.02 -1.49 19.20
C LYS B 80 7.52 -2.90 18.90
N ILE B 81 8.45 -3.81 18.67
CA ILE B 81 8.17 -5.25 18.62
C ILE B 81 8.95 -5.89 19.78
N SER B 82 8.24 -6.62 20.63
CA SER B 82 8.84 -7.19 21.85
C SER B 82 9.65 -8.47 21.62
N ARG B 83 9.18 -9.33 20.72
CA ARG B 83 9.84 -10.62 20.43
C ARG B 83 9.84 -10.90 18.93
N VAL B 84 10.96 -10.58 18.27
CA VAL B 84 11.09 -10.68 16.82
C VAL B 84 11.34 -12.12 16.38
N GLU B 85 10.44 -12.62 15.52
CA GLU B 85 10.63 -13.91 14.84
C GLU B 85 10.88 -13.72 13.33
N ALA B 86 11.20 -14.82 12.65
CA ALA B 86 11.56 -14.84 11.22
C ALA B 86 10.54 -14.15 10.29
N GLU B 87 9.24 -14.35 10.58
CA GLU B 87 8.15 -13.80 9.75
C GLU B 87 7.92 -12.29 9.89
N ASP B 88 8.68 -11.64 10.78
CA ASP B 88 8.57 -10.19 11.00
C ASP B 88 9.50 -9.37 10.09
N VAL B 89 10.31 -10.05 9.28
CA VAL B 89 11.24 -9.38 8.36
C VAL B 89 10.52 -8.63 7.24
N GLY B 90 11.16 -7.56 6.76
CA GLY B 90 10.60 -6.72 5.70
C GLY B 90 10.79 -5.25 5.98
N VAL B 91 10.09 -4.42 5.22
CA VAL B 91 10.22 -2.97 5.33
C VAL B 91 9.01 -2.37 6.05
N TYR B 92 9.30 -1.52 7.04
CA TYR B 92 8.27 -0.87 7.86
C TYR B 92 8.12 0.60 7.47
N TYR B 93 6.89 1.00 7.20
CA TYR B 93 6.58 2.36 6.77
C TYR B 93 5.63 3.05 7.74
N CYS B 94 5.98 4.26 8.15
CA CYS B 94 5.02 5.16 8.80
C CYS B 94 4.33 6.02 7.76
N GLN B 95 3.13 6.51 8.11
CA GLN B 95 2.31 7.28 7.19
C GLN B 95 1.62 8.45 7.91
N ASN B 96 1.67 9.62 7.27
CA ASN B 96 0.84 10.74 7.66
C ASN B 96 -0.58 10.44 7.20
N ASP B 97 -1.47 10.25 8.17
CA ASP B 97 -2.87 9.98 7.91
C ASP B 97 -3.74 11.13 8.41
N TYR B 98 -3.13 12.29 8.56
CA TYR B 98 -3.77 13.47 9.17
C TYR B 98 -4.31 14.44 8.12
N THR B 99 -3.49 14.76 7.12
CA THR B 99 -3.85 15.75 6.10
C THR B 99 -3.23 15.46 4.73
N TYR B 100 -4.01 15.77 3.68
CA TYR B 100 -3.58 15.67 2.28
C TYR B 100 -2.45 16.66 1.97
N PRO B 101 -1.44 16.27 1.17
CA PRO B 101 -1.31 14.93 0.59
C PRO B 101 -0.75 13.90 1.58
N LEU B 102 -1.15 12.65 1.38
CA LEU B 102 -0.71 11.55 2.25
C LEU B 102 0.72 11.16 1.90
N THR B 103 1.53 11.00 2.94
CA THR B 103 2.98 10.83 2.77
C THR B 103 3.52 9.67 3.58
N PHE B 104 4.44 8.93 2.95
CA PHE B 104 5.12 7.79 3.56
C PHE B 104 6.56 8.13 3.93
N GLY B 105 7.11 7.42 4.91
CA GLY B 105 8.54 7.44 5.20
C GLY B 105 9.33 6.64 4.17
N GLN B 106 10.66 6.70 4.28
CA GLN B 106 11.57 5.99 3.37
C GLN B 106 11.48 4.48 3.55
N GLY B 107 11.21 4.05 4.78
CA GLY B 107 11.13 2.64 5.14
C GLY B 107 12.30 2.18 5.99
N THR B 108 12.02 1.26 6.90
CA THR B 108 13.03 0.62 7.75
C THR B 108 13.06 -0.89 7.45
N LYS B 109 14.18 -1.34 6.89
CA LYS B 109 14.40 -2.76 6.61
C LYS B 109 14.72 -3.48 7.91
N LEU B 110 13.89 -4.46 8.26
CA LEU B 110 14.13 -5.32 9.40
C LEU B 110 14.62 -6.68 8.91
N GLU B 111 15.77 -7.10 9.43
CA GLU B 111 16.39 -8.37 9.10
C GLU B 111 16.81 -9.13 10.36
N ILE B 112 16.99 -10.44 10.23
CA ILE B 112 17.46 -11.26 11.33
C ILE B 112 18.99 -11.14 11.45
N LYS B 113 19.45 -10.84 12.68
CA LYS B 113 20.88 -10.84 12.99
C LYS B 113 21.35 -12.25 13.34
N ARG B 114 22.47 -12.63 12.74
CA ARG B 114 23.18 -13.87 13.05
C ARG B 114 24.69 -13.57 13.10
N THR B 115 25.49 -14.56 13.47
CA THR B 115 26.95 -14.42 13.50
C THR B 115 27.52 -14.24 12.09
N VAL B 116 28.61 -13.46 12.00
CA VAL B 116 29.27 -13.13 10.74
C VAL B 116 29.72 -14.40 10.01
N ALA B 117 29.28 -14.55 8.77
CA ALA B 117 29.68 -15.65 7.90
C ALA B 117 30.25 -15.12 6.58
N ALA B 118 31.45 -15.59 6.26
CA ALA B 118 32.14 -15.23 5.02
C ALA B 118 31.53 -15.95 3.83
N PRO B 119 31.51 -15.31 2.63
CA PRO B 119 30.93 -15.96 1.45
C PRO B 119 31.80 -17.04 0.82
N SER B 120 31.14 -18.02 0.21
CA SER B 120 31.80 -19.01 -0.65
C SER B 120 31.84 -18.42 -2.07
N VAL B 121 33.04 -18.31 -2.63
CA VAL B 121 33.25 -17.61 -3.90
C VAL B 121 33.54 -18.56 -5.06
N PHE B 122 32.71 -18.47 -6.09
CA PHE B 122 32.84 -19.29 -7.29
C PHE B 122 32.91 -18.38 -8.52
N ILE B 123 33.81 -18.73 -9.44
CA ILE B 123 33.91 -18.04 -10.74
C ILE B 123 33.53 -18.99 -11.89
N PHE B 124 32.69 -18.50 -12.80
CA PHE B 124 32.25 -19.25 -13.97
C PHE B 124 32.73 -18.59 -15.26
N PRO B 125 33.51 -19.32 -16.09
CA PRO B 125 33.89 -18.83 -17.42
C PRO B 125 32.68 -18.84 -18.36
N PRO B 126 32.71 -18.02 -19.44
CA PRO B 126 31.62 -18.10 -20.42
C PRO B 126 31.58 -19.45 -21.13
N SER B 127 30.38 -19.96 -21.36
CA SER B 127 30.19 -21.22 -22.08
C SER B 127 30.59 -21.07 -23.54
N ASP B 128 31.00 -22.18 -24.15
CA ASP B 128 31.36 -22.20 -25.58
C ASP B 128 30.17 -21.79 -26.47
N GLU B 129 28.96 -22.17 -26.04
CA GLU B 129 27.71 -21.82 -26.71
C GLU B 129 27.54 -20.30 -26.90
N GLN B 130 27.80 -19.54 -25.83
CA GLN B 130 27.71 -18.08 -25.86
C GLN B 130 28.72 -17.42 -26.80
N LEU B 131 29.94 -17.95 -26.80
CA LEU B 131 31.05 -17.42 -27.61
C LEU B 131 30.83 -17.52 -29.12
N LYS B 132 29.96 -18.45 -29.54
CA LYS B 132 29.51 -18.55 -30.95
C LYS B 132 28.68 -17.35 -31.39
N SER B 133 27.89 -16.78 -30.48
CA SER B 133 27.03 -15.63 -30.79
C SER B 133 27.76 -14.29 -30.77
N GLY B 134 28.99 -14.27 -30.24
CA GLY B 134 29.83 -13.07 -30.22
C GLY B 134 29.78 -12.26 -28.94
N THR B 135 29.37 -12.90 -27.85
CA THR B 135 29.30 -12.26 -26.53
C THR B 135 29.99 -13.15 -25.50
N ALA B 136 30.50 -12.53 -24.43
CA ALA B 136 31.13 -13.25 -23.32
C ALA B 136 30.65 -12.71 -21.98
N SER B 137 30.09 -13.61 -21.16
CA SER B 137 29.67 -13.28 -19.79
C SER B 137 30.42 -14.13 -18.79
N VAL B 138 31.14 -13.46 -17.89
CA VAL B 138 31.82 -14.10 -16.78
C VAL B 138 30.96 -13.87 -15.53
N VAL B 139 30.65 -14.94 -14.81
CA VAL B 139 29.78 -14.87 -13.65
C VAL B 139 30.56 -15.19 -12.36
N CYS B 140 30.39 -14.32 -11.36
CA CYS B 140 30.92 -14.54 -10.03
C CYS B 140 29.79 -14.75 -9.04
N LEU B 141 29.87 -15.86 -8.30
CA LEU B 141 28.89 -16.16 -7.25
C LEU B 141 29.48 -15.98 -5.85
N LEU B 142 28.75 -15.24 -5.02
CA LEU B 142 29.03 -15.12 -3.59
C LEU B 142 27.88 -15.79 -2.88
N ASN B 143 28.18 -16.86 -2.14
CA ASN B 143 27.15 -17.73 -1.57
C ASN B 143 27.12 -17.75 -0.04
N ASN B 144 25.92 -17.58 0.50
CA ASN B 144 25.58 -17.73 1.92
C ASN B 144 26.46 -16.90 2.90
N PHE B 145 26.25 -15.58 2.88
CA PHE B 145 27.03 -14.66 3.73
C PHE B 145 26.15 -13.74 4.59
N TYR B 146 26.74 -13.24 5.68
CA TYR B 146 26.13 -12.24 6.55
C TYR B 146 27.23 -11.37 7.18
N PRO B 147 27.10 -10.03 7.20
CA PRO B 147 25.91 -9.29 6.74
C PRO B 147 25.82 -9.03 5.23
N ARG B 148 24.87 -8.20 4.82
CA ARG B 148 24.53 -7.94 3.43
C ARG B 148 25.64 -7.26 2.62
N GLU B 149 26.40 -6.37 3.27
CA GLU B 149 27.49 -5.63 2.63
C GLU B 149 28.58 -6.55 2.08
N ALA B 150 28.88 -6.38 0.79
CA ALA B 150 29.94 -7.10 0.10
C ALA B 150 30.40 -6.25 -1.07
N LYS B 151 31.66 -6.43 -1.48
CA LYS B 151 32.14 -5.78 -2.69
C LYS B 151 32.76 -6.78 -3.65
N VAL B 152 32.36 -6.68 -4.91
CA VAL B 152 32.93 -7.45 -6.01
C VAL B 152 33.71 -6.48 -6.89
N GLN B 153 34.98 -6.81 -7.11
CA GLN B 153 35.82 -6.09 -8.05
C GLN B 153 36.32 -7.05 -9.12
N TRP B 154 36.00 -6.72 -10.37
CA TRP B 154 36.44 -7.50 -11.54
C TRP B 154 37.79 -7.01 -12.01
N LYS B 155 38.70 -7.96 -12.25
CA LYS B 155 40.04 -7.67 -12.76
C LYS B 155 40.33 -8.48 -14.01
N VAL B 156 40.66 -7.77 -15.09
CA VAL B 156 40.99 -8.36 -16.39
C VAL B 156 42.46 -8.05 -16.68
N ASP B 157 43.30 -9.08 -16.55
CA ASP B 157 44.78 -8.95 -16.52
C ASP B 157 45.26 -7.91 -15.48
N ASN B 158 44.70 -8.03 -14.28
CA ASN B 158 44.95 -7.13 -13.12
C ASN B 158 44.57 -5.66 -13.29
N ALA B 159 43.71 -5.37 -14.27
CA ALA B 159 43.15 -4.02 -14.48
C ALA B 159 41.70 -3.98 -14.00
N LEU B 160 41.40 -3.01 -13.14
CA LEU B 160 40.08 -2.88 -12.52
C LEU B 160 39.01 -2.45 -13.52
N GLN B 161 37.88 -3.16 -13.51
CA GLN B 161 36.78 -2.92 -14.44
C GLN B 161 35.72 -1.99 -13.86
N SER B 162 35.02 -1.27 -14.75
CA SER B 162 33.95 -0.35 -14.36
C SER B 162 32.99 -0.12 -15.52
N GLY B 163 31.70 -0.09 -15.21
CA GLY B 163 30.64 0.20 -16.19
C GLY B 163 30.28 -0.94 -17.12
N ASN B 164 30.74 -2.15 -16.78
CA ASN B 164 30.52 -3.36 -17.58
C ASN B 164 30.10 -4.58 -16.75
N SER B 165 29.63 -4.33 -15.54
CA SER B 165 29.12 -5.38 -14.65
C SER B 165 27.85 -4.95 -13.92
N GLN B 166 27.01 -5.93 -13.61
CA GLN B 166 25.79 -5.70 -12.83
C GLN B 166 25.68 -6.74 -11.73
N GLU B 167 25.14 -6.32 -10.59
CA GLU B 167 25.00 -7.17 -9.41
C GLU B 167 23.55 -7.41 -9.02
N SER B 168 23.29 -8.57 -8.43
CA SER B 168 21.96 -8.94 -7.93
C SER B 168 22.06 -9.74 -6.64
N VAL B 169 21.29 -9.32 -5.64
CA VAL B 169 21.28 -9.94 -4.30
C VAL B 169 19.92 -10.58 -4.03
N THR B 170 19.94 -11.77 -3.41
CA THR B 170 18.72 -12.45 -2.97
C THR B 170 18.16 -11.81 -1.70
N GLU B 171 16.92 -12.18 -1.35
CA GLU B 171 16.36 -11.88 -0.04
C GLU B 171 17.09 -12.73 1.02
N GLN B 172 16.96 -12.32 2.28
CA GLN B 172 17.50 -13.10 3.39
C GLN B 172 16.79 -14.46 3.47
N ASP B 173 17.58 -15.52 3.58
CA ASP B 173 17.09 -16.88 3.70
C ASP B 173 16.41 -17.10 5.06
N SER B 174 15.21 -17.68 5.03
CA SER B 174 14.39 -17.87 6.23
C SER B 174 15.00 -18.81 7.28
N LYS B 175 15.70 -19.83 6.82
CA LYS B 175 16.28 -20.86 7.70
C LYS B 175 17.66 -20.50 8.29
N ASP B 176 18.60 -20.10 7.44
CA ASP B 176 19.97 -19.81 7.88
C ASP B 176 20.38 -18.33 7.95
N SER B 177 19.44 -17.43 7.64
CA SER B 177 19.58 -15.96 7.77
C SER B 177 20.71 -15.31 6.94
N THR B 178 21.08 -15.96 5.83
CA THR B 178 22.18 -15.48 4.97
C THR B 178 21.67 -14.82 3.67
N TYR B 179 22.61 -14.24 2.93
CA TYR B 179 22.37 -13.64 1.63
C TYR B 179 23.23 -14.31 0.55
N SER B 180 22.85 -14.13 -0.70
CA SER B 180 23.67 -14.53 -1.85
C SER B 180 23.74 -13.42 -2.90
N LEU B 181 24.87 -13.35 -3.60
CA LEU B 181 25.11 -12.34 -4.64
C LEU B 181 25.66 -12.98 -5.91
N SER B 182 25.19 -12.49 -7.06
CA SER B 182 25.78 -12.81 -8.35
C SER B 182 26.11 -11.56 -9.14
N SER B 183 27.32 -11.53 -9.69
CA SER B 183 27.80 -10.45 -10.55
C SER B 183 28.08 -11.01 -11.95
N THR B 184 27.74 -10.25 -12.98
CA THR B 184 28.00 -10.63 -14.37
C THR B 184 28.83 -9.56 -15.09
N LEU B 185 30.03 -9.96 -15.53
CA LEU B 185 30.88 -9.13 -16.35
C LEU B 185 30.62 -9.46 -17.82
N THR B 186 30.17 -8.47 -18.57
CA THR B 186 29.82 -8.66 -19.97
C THR B 186 30.82 -7.94 -20.89
N LEU B 187 31.40 -8.72 -21.81
CA LEU B 187 32.35 -8.23 -22.80
C LEU B 187 32.00 -8.82 -24.16
N SER B 188 32.42 -8.12 -25.23
CA SER B 188 32.35 -8.67 -26.58
C SER B 188 33.38 -9.79 -26.73
N LYS B 189 33.11 -10.73 -27.66
CA LYS B 189 34.01 -11.84 -27.94
C LYS B 189 35.45 -11.36 -28.24
N ALA B 190 35.56 -10.34 -29.10
CA ALA B 190 36.85 -9.76 -29.49
C ALA B 190 37.66 -9.23 -28.31
N ASP B 191 37.01 -8.47 -27.42
CA ASP B 191 37.65 -7.94 -26.20
C ASP B 191 38.02 -9.04 -25.22
N TYR B 192 37.18 -10.08 -25.14
CA TYR B 192 37.40 -11.24 -24.28
C TYR B 192 38.63 -12.06 -24.69
N GLU B 193 38.83 -12.22 -26.00
CA GLU B 193 39.95 -13.00 -26.53
C GLU B 193 41.30 -12.28 -26.43
N LYS B 194 41.27 -10.96 -26.23
CA LYS B 194 42.47 -10.13 -26.10
C LYS B 194 43.19 -10.23 -24.75
N HIS B 195 42.56 -10.88 -23.76
CA HIS B 195 43.12 -11.01 -22.40
C HIS B 195 43.13 -12.44 -21.88
N LYS B 196 44.02 -12.71 -20.91
CA LYS B 196 44.28 -14.05 -20.39
C LYS B 196 43.62 -14.32 -19.03
N VAL B 197 43.93 -13.48 -18.04
CA VAL B 197 43.51 -13.70 -16.65
C VAL B 197 42.22 -12.97 -16.32
N TYR B 198 41.23 -13.71 -15.82
CA TYR B 198 39.94 -13.16 -15.39
C TYR B 198 39.69 -13.51 -13.94
N ALA B 199 39.59 -12.47 -13.10
CA ALA B 199 39.52 -12.64 -11.65
C ALA B 199 38.37 -11.87 -11.01
N CYS B 200 37.79 -12.48 -9.97
CA CYS B 200 36.73 -11.87 -9.15
CA CYS B 200 36.77 -11.84 -9.16
C CYS B 200 37.29 -11.65 -7.73
N GLU B 201 37.37 -10.38 -7.32
CA GLU B 201 37.91 -10.01 -6.01
C GLU B 201 36.78 -9.69 -5.03
N VAL B 202 36.72 -10.43 -3.94
CA VAL B 202 35.62 -10.38 -2.98
C VAL B 202 36.11 -9.92 -1.60
N THR B 203 35.50 -8.85 -1.11
CA THR B 203 35.77 -8.32 0.23
C THR B 203 34.47 -8.27 1.06
N HIS B 204 34.58 -8.71 2.30
CA HIS B 204 33.46 -8.87 3.23
C HIS B 204 33.97 -8.68 4.66
N GLN B 205 33.06 -8.39 5.59
CA GLN B 205 33.39 -8.21 7.02
C GLN B 205 34.02 -9.47 7.64
N GLY B 206 33.61 -10.64 7.17
CA GLY B 206 34.13 -11.94 7.63
C GLY B 206 35.46 -12.35 7.01
N LEU B 207 36.07 -11.44 6.26
CA LEU B 207 37.38 -11.67 5.63
C LEU B 207 38.37 -10.59 6.06
N SER B 208 39.50 -11.04 6.60
CA SER B 208 40.61 -10.15 6.96
C SER B 208 41.41 -9.74 5.72
N SER B 209 41.33 -10.58 4.69
CA SER B 209 42.01 -10.39 3.41
C SER B 209 41.05 -10.74 2.27
N PRO B 210 41.11 -9.99 1.13
CA PRO B 210 40.22 -10.28 -0.01
C PRO B 210 40.40 -11.69 -0.59
N VAL B 211 39.31 -12.26 -1.08
CA VAL B 211 39.36 -13.58 -1.75
C VAL B 211 39.28 -13.40 -3.25
N THR B 212 40.32 -13.89 -3.94
CA THR B 212 40.39 -13.88 -5.40
C THR B 212 40.19 -15.29 -5.95
N LYS B 213 39.18 -15.43 -6.81
CA LYS B 213 39.00 -16.63 -7.62
C LYS B 213 39.19 -16.26 -9.09
N SER B 214 39.97 -17.07 -9.80
CA SER B 214 40.32 -16.75 -11.19
C SER B 214 40.43 -17.96 -12.11
N PHE B 215 40.42 -17.68 -13.41
CA PHE B 215 40.76 -18.66 -14.44
C PHE B 215 41.61 -18.00 -15.53
N ASN B 216 42.35 -18.84 -16.26
CA ASN B 216 43.05 -18.41 -17.47
C ASN B 216 42.23 -18.85 -18.68
N ARG B 217 42.03 -17.94 -19.63
CA ARG B 217 41.29 -18.23 -20.86
C ARG B 217 42.03 -19.28 -21.70
N GLY B 218 41.29 -20.35 -22.04
CA GLY B 218 41.82 -21.48 -22.79
C GLY B 218 42.36 -22.61 -21.92
N GLU B 219 41.92 -22.64 -20.66
CA GLU B 219 42.36 -23.64 -19.68
C GLU B 219 41.20 -24.14 -18.82
N GLU C 1 -14.58 -12.83 2.72
CA GLU C 1 -13.68 -11.74 3.21
C GLU C 1 -13.44 -10.65 2.16
N VAL C 2 -12.89 -9.52 2.60
CA VAL C 2 -12.59 -8.39 1.74
C VAL C 2 -11.42 -8.73 0.80
N GLN C 3 -11.65 -8.57 -0.49
CA GLN C 3 -10.66 -8.86 -1.50
C GLN C 3 -10.56 -7.72 -2.52
N LEU C 4 -9.32 -7.33 -2.83
CA LEU C 4 -9.05 -6.37 -3.90
C LEU C 4 -8.27 -7.08 -4.99
N VAL C 5 -8.87 -7.17 -6.17
CA VAL C 5 -8.27 -7.87 -7.31
C VAL C 5 -7.90 -6.84 -8.37
N GLN C 6 -6.61 -6.79 -8.68
CA GLN C 6 -6.08 -5.89 -9.71
C GLN C 6 -5.90 -6.63 -11.04
N SER C 7 -5.93 -5.87 -12.13
CA SER C 7 -5.69 -6.40 -13.48
C SER C 7 -4.23 -6.84 -13.68
N GLY C 8 -4.01 -7.70 -14.68
CA GLY C 8 -2.69 -8.31 -14.95
C GLY C 8 -1.59 -7.34 -15.37
N ALA C 9 -0.37 -7.86 -15.41
CA ALA C 9 0.84 -7.09 -15.78
C ALA C 9 0.73 -6.45 -17.16
N GLU C 10 1.32 -5.26 -17.29
CA GLU C 10 1.24 -4.49 -18.54
C GLU C 10 2.60 -4.16 -19.10
N VAL C 11 2.73 -4.36 -20.41
CA VAL C 11 3.95 -4.04 -21.17
C VAL C 11 3.56 -3.03 -22.25
N LYS C 12 4.20 -1.86 -22.21
CA LYS C 12 3.82 -0.74 -23.08
C LYS C 12 5.03 0.03 -23.63
N LYS C 13 4.86 0.56 -24.83
CA LYS C 13 5.80 1.50 -25.43
C LYS C 13 5.62 2.90 -24.83
N PRO C 14 6.71 3.72 -24.78
CA PRO C 14 6.58 5.12 -24.36
C PRO C 14 5.64 5.92 -25.28
N GLY C 15 4.78 6.74 -24.66
CA GLY C 15 3.80 7.56 -25.39
C GLY C 15 2.45 6.92 -25.58
N GLU C 16 2.28 5.68 -25.10
CA GLU C 16 1.01 4.95 -25.17
C GLU C 16 0.12 5.23 -23.96
N SER C 17 -1.19 5.19 -24.19
CA SER C 17 -2.17 5.31 -23.11
C SER C 17 -2.37 3.95 -22.45
N LEU C 18 -2.69 3.99 -21.16
CA LEU C 18 -2.94 2.77 -20.38
C LEU C 18 -3.97 3.03 -19.30
N ARG C 19 -4.88 2.07 -19.14
CA ARG C 19 -5.81 2.06 -18.03
C ARG C 19 -5.71 0.71 -17.31
N ILE C 20 -5.43 0.77 -16.01
CA ILE C 20 -5.39 -0.41 -15.14
C ILE C 20 -6.55 -0.36 -14.14
N SER C 21 -7.00 -1.53 -13.69
CA SER C 21 -8.22 -1.64 -12.87
C SER C 21 -8.04 -2.35 -11.53
N CYS C 22 -8.93 -2.04 -10.59
CA CYS C 22 -8.95 -2.61 -9.25
C CYS C 22 -10.40 -2.93 -8.84
N LYS C 23 -10.72 -4.22 -8.77
CA LYS C 23 -12.07 -4.67 -8.43
C LYS C 23 -12.16 -5.05 -6.96
N GLY C 24 -13.16 -4.51 -6.28
CA GLY C 24 -13.38 -4.76 -4.85
C GLY C 24 -14.59 -5.62 -4.59
N SER C 25 -14.44 -6.57 -3.66
CA SER C 25 -15.53 -7.48 -3.27
C SER C 25 -15.46 -7.82 -1.79
N GLY C 26 -16.60 -8.24 -1.22
CA GLY C 26 -16.69 -8.63 0.18
C GLY C 26 -17.00 -7.46 1.11
N TYR C 27 -17.33 -6.31 0.52
CA TYR C 27 -17.72 -5.10 1.24
C TYR C 27 -18.59 -4.20 0.37
N THR C 28 -19.23 -3.21 0.98
CA THR C 28 -20.01 -2.20 0.24
C THR C 28 -19.04 -1.21 -0.39
N PHE C 29 -19.10 -1.11 -1.71
CA PHE C 29 -18.08 -0.40 -2.50
C PHE C 29 -18.10 1.12 -2.34
N ILE C 30 -19.29 1.71 -2.27
CA ILE C 30 -19.45 3.17 -2.36
C ILE C 30 -18.91 4.06 -1.21
N PRO C 31 -19.00 3.61 0.07
CA PRO C 31 -18.54 4.53 1.13
C PRO C 31 -17.05 4.44 1.53
N TYR C 32 -16.29 3.60 0.83
CA TYR C 32 -14.87 3.38 1.13
C TYR C 32 -13.96 3.96 0.05
N TRP C 33 -12.95 4.72 0.47
CA TRP C 33 -11.97 5.31 -0.45
C TRP C 33 -11.05 4.25 -1.07
N ILE C 34 -10.80 4.37 -2.37
CA ILE C 34 -9.82 3.54 -3.07
C ILE C 34 -8.57 4.37 -3.35
N GLU C 35 -7.43 3.89 -2.85
CA GLU C 35 -6.15 4.58 -2.93
C GLU C 35 -5.29 3.95 -4.02
N TRP C 36 -4.46 4.77 -4.66
CA TRP C 36 -3.44 4.28 -5.59
C TRP C 36 -2.04 4.64 -5.09
N VAL C 37 -1.17 3.62 -5.03
CA VAL C 37 0.17 3.76 -4.47
C VAL C 37 1.19 3.21 -5.46
N ARG C 38 2.19 4.03 -5.80
CA ARG C 38 3.28 3.62 -6.67
C ARG C 38 4.49 3.14 -5.86
N GLN C 39 5.06 2.02 -6.30
CA GLN C 39 6.34 1.51 -5.80
C GLN C 39 7.27 1.18 -6.96
N MET C 40 8.30 2.01 -7.13
CA MET C 40 9.32 1.81 -8.16
C MET C 40 10.28 0.70 -7.74
N PRO C 41 10.94 0.02 -8.72
CA PRO C 41 11.86 -1.08 -8.39
C PRO C 41 12.89 -0.74 -7.30
N GLY C 42 12.82 -1.48 -6.20
CA GLY C 42 13.70 -1.30 -5.04
C GLY C 42 13.55 0.00 -4.26
N LYS C 43 12.37 0.62 -4.34
CA LYS C 43 12.12 1.92 -3.70
C LYS C 43 10.98 1.90 -2.68
N GLY C 44 10.69 3.06 -2.09
CA GLY C 44 9.63 3.21 -1.11
C GLY C 44 8.24 3.36 -1.72
N LEU C 45 7.26 3.67 -0.88
CA LEU C 45 5.87 3.82 -1.30
C LEU C 45 5.53 5.28 -1.53
N GLU C 46 4.80 5.55 -2.62
CA GLU C 46 4.36 6.90 -2.96
C GLU C 46 2.85 6.91 -3.17
N TRP C 47 2.15 7.73 -2.38
CA TRP C 47 0.72 7.91 -2.55
C TRP C 47 0.45 8.78 -3.78
N MET C 48 -0.36 8.25 -4.70
CA MET C 48 -0.67 8.92 -5.97
C MET C 48 -1.96 9.73 -5.86
N GLY C 49 -2.97 9.15 -5.23
CA GLY C 49 -4.28 9.77 -5.07
C GLY C 49 -5.34 8.79 -4.58
N ASP C 50 -6.58 9.27 -4.51
CA ASP C 50 -7.72 8.44 -4.09
C ASP C 50 -9.05 8.80 -4.76
N ILE C 51 -10.04 7.92 -4.60
CA ILE C 51 -11.41 8.15 -5.08
C ILE C 51 -12.44 7.58 -4.09
N LEU C 52 -13.50 8.38 -3.86
CA LEU C 52 -14.69 7.91 -3.18
C LEU C 52 -15.73 7.54 -4.24
N PRO C 53 -15.92 6.22 -4.49
CA PRO C 53 -16.74 5.69 -5.59
C PRO C 53 -18.21 6.12 -5.57
N GLY C 54 -18.72 6.45 -4.37
CA GLY C 54 -20.10 6.91 -4.19
C GLY C 54 -20.44 8.22 -4.88
N SER C 55 -19.42 9.05 -5.12
CA SER C 55 -19.58 10.36 -5.75
C SER C 55 -18.64 10.60 -6.94
N GLY C 56 -17.50 9.92 -6.95
CA GLY C 56 -16.45 10.14 -7.96
C GLY C 56 -15.43 11.20 -7.58
N PHE C 57 -15.56 11.74 -6.37
CA PHE C 57 -14.64 12.74 -5.82
C PHE C 57 -13.21 12.19 -5.71
N THR C 58 -12.26 12.96 -6.20
CA THR C 58 -10.86 12.55 -6.27
C THR C 58 -9.94 13.59 -5.65
N THR C 59 -8.92 13.11 -4.93
CA THR C 59 -7.80 13.95 -4.53
C THR C 59 -6.53 13.40 -5.17
N TYR C 60 -5.62 14.31 -5.57
CA TYR C 60 -4.36 13.93 -6.17
C TYR C 60 -3.18 14.47 -5.37
N SER C 61 -2.10 13.71 -5.36
CA SER C 61 -0.80 14.21 -4.90
C SER C 61 -0.29 15.25 -5.90
N PRO C 62 0.28 16.38 -5.41
CA PRO C 62 0.85 17.42 -6.28
C PRO C 62 1.87 16.92 -7.32
N SER C 63 2.55 15.81 -7.00
CA SER C 63 3.51 15.17 -7.91
C SER C 63 2.84 14.45 -9.07
N PHE C 64 1.62 13.97 -8.85
CA PHE C 64 0.92 13.12 -9.82
C PHE C 64 -0.23 13.80 -10.57
N GLN C 65 -0.65 14.97 -10.07
CA GLN C 65 -1.72 15.76 -10.68
C GLN C 65 -1.37 16.17 -12.10
N GLY C 66 -2.23 15.80 -13.05
CA GLY C 66 -2.03 16.11 -14.46
C GLY C 66 -1.42 14.98 -15.27
N HIS C 67 -0.71 14.07 -14.61
CA HIS C 67 -0.10 12.92 -15.27
C HIS C 67 -1.03 11.70 -15.28
N VAL C 68 -1.85 11.58 -14.23
CA VAL C 68 -2.81 10.47 -14.10
C VAL C 68 -4.25 10.94 -13.87
N THR C 69 -5.20 10.09 -14.29
CA THR C 69 -6.62 10.26 -13.97
C THR C 69 -7.10 9.04 -13.18
N ILE C 70 -7.78 9.29 -12.06
CA ILE C 70 -8.40 8.25 -11.25
C ILE C 70 -9.92 8.34 -11.40
N SER C 71 -10.55 7.21 -11.70
CA SER C 71 -12.00 7.13 -11.89
C SER C 71 -12.57 5.83 -11.33
N ALA C 72 -13.91 5.74 -11.26
CA ALA C 72 -14.59 4.56 -10.74
C ALA C 72 -15.92 4.27 -11.44
N ASP C 73 -16.23 2.97 -11.53
CA ASP C 73 -17.54 2.50 -11.99
C ASP C 73 -18.17 1.70 -10.84
N LYS C 74 -19.02 2.37 -10.07
CA LYS C 74 -19.60 1.81 -8.83
C LYS C 74 -20.64 0.71 -9.03
N SER C 75 -21.12 0.55 -10.26
CA SER C 75 -22.07 -0.51 -10.60
C SER C 75 -21.40 -1.88 -10.74
N ILE C 76 -20.09 -1.89 -11.02
CA ILE C 76 -19.30 -3.13 -11.11
C ILE C 76 -18.18 -3.22 -10.07
N SER C 77 -18.26 -2.36 -9.05
CA SER C 77 -17.32 -2.31 -7.92
C SER C 77 -15.83 -2.22 -8.33
N THR C 78 -15.57 -1.34 -9.30
CA THR C 78 -14.24 -1.23 -9.91
C THR C 78 -13.75 0.23 -9.95
N ALA C 79 -12.49 0.42 -9.57
CA ALA C 79 -11.79 1.69 -9.69
C ALA C 79 -10.68 1.60 -10.74
N TYR C 80 -10.26 2.75 -11.25
CA TYR C 80 -9.32 2.83 -12.36
C TYR C 80 -8.21 3.84 -12.15
N LEU C 81 -7.06 3.55 -12.75
CA LEU C 81 -5.94 4.48 -12.86
C LEU C 81 -5.49 4.49 -14.32
N GLN C 82 -5.39 5.68 -14.91
CA GLN C 82 -5.03 5.79 -16.33
C GLN C 82 -4.04 6.91 -16.70
N TRP C 83 -3.23 6.62 -17.72
CA TRP C 83 -2.28 7.57 -18.29
C TRP C 83 -2.68 7.96 -19.71
N SER C 84 -2.43 9.21 -20.08
CA SER C 84 -2.57 9.68 -21.46
C SER C 84 -1.41 9.18 -22.33
N SER C 85 -0.18 9.37 -21.83
CA SER C 85 1.03 8.88 -22.48
C SER C 85 2.10 8.54 -21.44
N LEU C 86 2.57 7.28 -21.49
CA LEU C 86 3.51 6.76 -20.49
C LEU C 86 4.96 7.17 -20.77
N LYS C 87 5.68 7.48 -19.70
CA LYS C 87 7.13 7.72 -19.74
C LYS C 87 7.84 6.42 -19.34
N ALA C 88 9.10 6.26 -19.74
CA ALA C 88 9.93 5.12 -19.31
C ALA C 88 10.07 5.02 -17.78
N SER C 89 10.05 6.17 -17.11
CA SER C 89 10.11 6.26 -15.64
C SER C 89 8.79 5.91 -14.93
N ASP C 90 7.75 5.59 -15.70
CA ASP C 90 6.49 5.06 -15.14
C ASP C 90 6.56 3.55 -14.87
N THR C 91 7.70 2.93 -15.19
CA THR C 91 7.96 1.52 -14.90
C THR C 91 8.04 1.28 -13.39
N ALA C 92 6.98 0.65 -12.85
CA ALA C 92 6.79 0.47 -11.42
C ALA C 92 5.72 -0.57 -11.08
N MET C 93 5.65 -0.93 -9.81
CA MET C 93 4.53 -1.67 -9.24
C MET C 93 3.48 -0.65 -8.78
N TYR C 94 2.22 -0.94 -9.09
CA TYR C 94 1.11 -0.07 -8.69
C TYR C 94 0.11 -0.85 -7.84
N TYR C 95 -0.12 -0.36 -6.63
CA TYR C 95 -1.06 -0.97 -5.69
C TYR C 95 -2.33 -0.14 -5.56
N CYS C 96 -3.47 -0.83 -5.53
CA CYS C 96 -4.70 -0.21 -5.07
C CYS C 96 -4.96 -0.63 -3.62
N ALA C 97 -5.53 0.28 -2.84
CA ALA C 97 -5.84 0.01 -1.45
C ALA C 97 -7.17 0.62 -1.04
N ARG C 98 -7.83 -0.02 -0.07
CA ARG C 98 -9.07 0.48 0.50
C ARG C 98 -8.83 1.04 1.90
N SER C 99 -9.48 2.16 2.21
CA SER C 99 -9.41 2.79 3.53
C SER C 99 -10.11 1.96 4.62
N GLY C 100 -9.76 2.23 5.88
CA GLY C 100 -10.34 1.55 7.04
C GLY C 100 -11.74 2.01 7.38
N TYR C 101 -12.35 1.33 8.37
CA TYR C 101 -13.73 1.60 8.78
C TYR C 101 -13.89 2.93 9.50
N TYR C 102 -13.07 3.17 10.51
CA TYR C 102 -13.08 4.44 11.25
C TYR C 102 -12.30 5.51 10.51
N GLY C 103 -12.50 6.76 10.91
CA GLY C 103 -11.81 7.91 10.29
C GLY C 103 -10.30 7.84 10.48
N ASN C 104 -9.56 8.15 9.39
CA ASN C 104 -8.10 8.15 9.35
C ASN C 104 -7.47 6.89 9.96
N SER C 105 -7.94 5.73 9.52
CA SER C 105 -7.48 4.46 10.08
C SER C 105 -6.62 3.66 9.10
N GLY C 106 -5.90 4.38 8.25
CA GLY C 106 -4.96 3.79 7.29
C GLY C 106 -5.61 3.05 6.15
N PHE C 107 -4.78 2.40 5.33
CA PHE C 107 -5.25 1.60 4.21
C PHE C 107 -5.32 0.14 4.66
N ALA C 108 -6.54 -0.31 4.98
CA ALA C 108 -6.78 -1.61 5.61
C ALA C 108 -6.59 -2.83 4.71
N TYR C 109 -6.92 -2.68 3.43
CA TYR C 109 -6.83 -3.81 2.49
C TYR C 109 -6.12 -3.40 1.21
N TRP C 110 -5.24 -4.28 0.73
CA TRP C 110 -4.42 -4.02 -0.44
C TRP C 110 -4.62 -5.09 -1.50
N GLY C 111 -4.52 -4.69 -2.76
CA GLY C 111 -4.51 -5.63 -3.89
C GLY C 111 -3.13 -6.26 -4.05
N GLN C 112 -3.04 -7.25 -4.94
CA GLN C 112 -1.78 -7.97 -5.20
C GLN C 112 -0.74 -7.11 -5.94
N GLY C 113 -1.20 -6.06 -6.61
CA GLY C 113 -0.33 -5.16 -7.36
C GLY C 113 -0.35 -5.41 -8.85
N THR C 114 -0.11 -4.34 -9.61
CA THR C 114 0.04 -4.43 -11.07
C THR C 114 1.42 -3.89 -11.45
N LEU C 115 2.23 -4.76 -12.04
CA LEU C 115 3.53 -4.36 -12.58
C LEU C 115 3.32 -3.76 -13.96
N VAL C 116 3.81 -2.54 -14.13
CA VAL C 116 3.73 -1.83 -15.40
C VAL C 116 5.15 -1.61 -15.91
N THR C 117 5.42 -2.12 -17.12
CA THR C 117 6.70 -1.97 -17.78
C THR C 117 6.57 -1.05 -18.99
N VAL C 118 7.27 0.08 -18.94
CA VAL C 118 7.30 1.03 -20.06
C VAL C 118 8.71 1.06 -20.67
N SER C 119 8.83 0.45 -21.84
CA SER C 119 10.11 0.28 -22.53
C SER C 119 9.97 0.31 -24.06
N SER C 120 11.07 0.66 -24.72
CA SER C 120 11.16 0.68 -26.19
C SER C 120 11.43 -0.71 -26.76
N ALA C 121 11.85 -1.63 -25.89
CA ALA C 121 12.24 -2.99 -26.27
C ALA C 121 11.08 -3.83 -26.83
N SER C 122 11.43 -4.77 -27.69
CA SER C 122 10.47 -5.72 -28.29
C SER C 122 10.53 -7.07 -27.58
N THR C 123 9.48 -7.87 -27.73
CA THR C 123 9.40 -9.23 -27.17
C THR C 123 10.53 -10.12 -27.68
N LYS C 124 11.38 -10.56 -26.76
CA LYS C 124 12.51 -11.43 -27.08
C LYS C 124 12.66 -12.57 -26.07
N GLY C 125 12.77 -13.78 -26.58
CA GLY C 125 12.99 -14.97 -25.76
C GLY C 125 14.44 -15.09 -25.30
N PRO C 126 14.67 -15.69 -24.11
CA PRO C 126 16.01 -15.75 -23.54
C PRO C 126 16.92 -16.79 -24.18
N SER C 127 18.21 -16.50 -24.23
CA SER C 127 19.25 -17.48 -24.49
C SER C 127 19.69 -18.05 -23.14
N VAL C 128 19.74 -19.39 -23.06
CA VAL C 128 20.11 -20.07 -21.81
C VAL C 128 21.48 -20.72 -21.93
N PHE C 129 22.43 -20.25 -21.12
CA PHE C 129 23.80 -20.74 -21.13
C PHE C 129 24.16 -21.44 -19.81
N PRO C 130 24.87 -22.58 -19.88
CA PRO C 130 25.30 -23.27 -18.65
C PRO C 130 26.43 -22.55 -17.94
N LEU C 131 26.42 -22.66 -16.61
CA LEU C 131 27.53 -22.21 -15.77
C LEU C 131 28.18 -23.46 -15.18
N ALA C 132 29.19 -23.95 -15.89
CA ALA C 132 29.84 -25.22 -15.58
C ALA C 132 30.77 -25.11 -14.37
N PRO C 133 30.76 -26.15 -13.48
CA PRO C 133 31.74 -26.23 -12.39
C PRO C 133 33.08 -26.80 -12.85
N SER C 134 34.14 -26.52 -12.09
CA SER C 134 35.46 -27.12 -12.31
C SER C 134 35.94 -27.81 -11.01
N SER C 135 37.22 -27.66 -10.67
CA SER C 135 37.78 -28.22 -9.43
C SER C 135 37.51 -27.31 -8.23
N GLY C 141 34.60 -30.83 -0.77
CA GLY C 141 33.42 -30.28 -0.10
C GLY C 141 32.23 -30.17 -1.03
N THR C 142 31.91 -28.93 -1.42
CA THR C 142 30.77 -28.64 -2.29
C THR C 142 31.17 -27.81 -3.52
N ALA C 143 30.44 -28.02 -4.62
CA ALA C 143 30.64 -27.29 -5.87
C ALA C 143 29.36 -26.55 -6.28
N ALA C 144 29.53 -25.48 -7.04
CA ALA C 144 28.41 -24.69 -7.54
C ALA C 144 28.27 -24.80 -9.06
N LEU C 145 27.02 -24.82 -9.51
CA LEU C 145 26.69 -24.84 -10.94
C LEU C 145 25.40 -24.06 -11.17
N GLY C 146 25.23 -23.53 -12.37
CA GLY C 146 24.07 -22.70 -12.66
C GLY C 146 23.68 -22.53 -14.12
N CYS C 147 22.68 -21.70 -14.33
CA CYS C 147 22.21 -21.32 -15.66
C CYS C 147 22.13 -19.80 -15.77
N LEU C 148 22.74 -19.27 -16.81
CA LEU C 148 22.61 -17.86 -17.15
C LEU C 148 21.47 -17.70 -18.15
N VAL C 149 20.45 -16.98 -17.73
CA VAL C 149 19.26 -16.70 -18.55
C VAL C 149 19.42 -15.26 -19.07
N LYS C 150 19.88 -15.13 -20.32
CA LYS C 150 20.32 -13.84 -20.87
C LYS C 150 19.45 -13.31 -22.00
N ASP C 151 19.30 -11.98 -22.02
CA ASP C 151 18.67 -11.20 -23.11
C ASP C 151 17.22 -11.58 -23.40
N TYR C 152 16.34 -11.25 -22.46
CA TYR C 152 14.90 -11.45 -22.64
C TYR C 152 14.09 -10.21 -22.29
N PHE C 153 12.92 -10.11 -22.91
CA PHE C 153 11.95 -9.05 -22.63
C PHE C 153 10.55 -9.57 -22.97
N PRO C 154 9.56 -9.36 -22.09
CA PRO C 154 9.74 -8.70 -20.79
C PRO C 154 9.88 -9.70 -19.62
N GLU C 155 9.83 -9.19 -18.40
CA GLU C 155 9.69 -10.00 -17.19
C GLU C 155 8.27 -10.62 -17.16
N PRO C 156 8.11 -11.84 -16.63
CA PRO C 156 9.19 -12.60 -16.00
C PRO C 156 9.56 -13.91 -16.71
N VAL C 157 10.63 -14.54 -16.23
CA VAL C 157 10.94 -15.94 -16.53
C VAL C 157 10.75 -16.77 -15.25
N THR C 158 10.42 -18.04 -15.42
CA THR C 158 10.38 -18.97 -14.30
C THR C 158 11.50 -20.00 -14.48
N VAL C 159 12.34 -20.13 -13.45
CA VAL C 159 13.44 -21.09 -13.47
C VAL C 159 13.25 -22.12 -12.35
N SER C 160 13.38 -23.39 -12.72
CA SER C 160 13.38 -24.51 -11.77
C SER C 160 14.46 -25.50 -12.15
N TRP C 161 14.90 -26.30 -11.17
CA TRP C 161 15.88 -27.35 -11.42
C TRP C 161 15.26 -28.74 -11.26
N ASN C 162 15.45 -29.57 -12.30
CA ASN C 162 14.92 -30.94 -12.39
C ASN C 162 13.40 -31.02 -12.20
N SER C 163 12.68 -30.31 -13.07
CA SER C 163 11.20 -30.23 -13.07
C SER C 163 10.55 -29.74 -11.75
N GLY C 164 11.32 -28.96 -10.99
CA GLY C 164 10.85 -28.38 -9.72
C GLY C 164 11.22 -29.17 -8.46
N ALA C 165 11.79 -30.36 -8.65
CA ALA C 165 12.12 -31.28 -7.55
C ALA C 165 13.27 -30.80 -6.67
N LEU C 166 14.27 -30.17 -7.29
CA LEU C 166 15.43 -29.63 -6.57
C LEU C 166 15.20 -28.17 -6.19
N THR C 167 14.99 -27.94 -4.89
CA THR C 167 14.75 -26.60 -4.34
C THR C 167 15.82 -26.20 -3.31
N SER C 168 16.35 -27.21 -2.62
CA SER C 168 17.36 -27.00 -1.58
C SER C 168 18.71 -26.58 -2.18
N GLY C 169 19.28 -25.50 -1.66
CA GLY C 169 20.55 -24.96 -2.13
C GLY C 169 20.47 -24.19 -3.44
N VAL C 170 19.24 -24.03 -3.97
CA VAL C 170 18.98 -23.28 -5.20
C VAL C 170 18.81 -21.80 -4.88
N HIS C 171 19.60 -20.95 -5.54
CA HIS C 171 19.44 -19.50 -5.48
C HIS C 171 19.15 -18.92 -6.88
N THR C 172 17.94 -18.42 -7.05
CA THR C 172 17.53 -17.73 -8.28
C THR C 172 17.48 -16.23 -8.00
N PHE C 173 18.32 -15.49 -8.73
CA PHE C 173 18.57 -14.08 -8.46
C PHE C 173 17.57 -13.18 -9.19
N PRO C 174 17.25 -12.00 -8.59
CA PRO C 174 16.49 -10.97 -9.31
C PRO C 174 17.19 -10.58 -10.61
N ALA C 175 16.39 -10.33 -11.64
CA ALA C 175 16.92 -9.93 -12.95
C ALA C 175 17.49 -8.52 -12.90
N VAL C 176 18.55 -8.30 -13.67
CA VAL C 176 19.07 -6.96 -13.90
C VAL C 176 18.64 -6.46 -15.29
N LEU C 177 18.32 -5.18 -15.38
CA LEU C 177 18.02 -4.54 -16.66
C LEU C 177 19.32 -4.02 -17.25
N GLN C 178 19.67 -4.56 -18.42
CA GLN C 178 20.89 -4.16 -19.13
C GLN C 178 20.67 -2.85 -19.91
N SER C 179 21.77 -2.24 -20.36
CA SER C 179 21.74 -1.01 -21.15
C SER C 179 21.02 -1.15 -22.50
N SER C 180 20.98 -2.37 -23.03
CA SER C 180 20.25 -2.71 -24.26
C SER C 180 18.73 -2.69 -24.09
N GLY C 181 18.26 -2.69 -22.84
CA GLY C 181 16.83 -2.74 -22.51
C GLY C 181 16.30 -4.15 -22.32
N LEU C 182 17.20 -5.13 -22.31
CA LEU C 182 16.85 -6.54 -22.15
C LEU C 182 17.31 -7.07 -20.80
N TYR C 183 16.48 -7.93 -20.19
CA TYR C 183 16.74 -8.45 -18.86
C TYR C 183 17.70 -9.64 -18.90
N SER C 184 18.38 -9.87 -17.77
CA SER C 184 19.27 -11.01 -17.60
C SER C 184 19.27 -11.46 -16.14
N LEU C 185 19.16 -12.77 -15.92
CA LEU C 185 19.29 -13.34 -14.58
C LEU C 185 20.10 -14.64 -14.55
N SER C 186 20.53 -15.01 -13.35
CA SER C 186 21.20 -16.28 -13.10
C SER C 186 20.51 -17.08 -11.99
N SER C 187 20.49 -18.40 -12.17
CA SER C 187 20.03 -19.32 -11.14
C SER C 187 21.12 -20.33 -10.89
N VAL C 188 21.53 -20.44 -9.62
CA VAL C 188 22.62 -21.33 -9.22
C VAL C 188 22.17 -22.35 -8.18
N VAL C 189 22.93 -23.44 -8.07
CA VAL C 189 22.72 -24.45 -7.04
C VAL C 189 24.07 -24.97 -6.53
N THR C 190 24.20 -25.03 -5.20
CA THR C 190 25.32 -25.70 -4.55
C THR C 190 24.98 -27.18 -4.35
N VAL C 191 25.94 -28.04 -4.69
CA VAL C 191 25.77 -29.50 -4.65
C VAL C 191 27.04 -30.17 -4.08
N PRO C 192 26.93 -31.41 -3.56
CA PRO C 192 28.15 -32.16 -3.21
C PRO C 192 29.05 -32.40 -4.43
N SER C 193 30.35 -32.21 -4.25
CA SER C 193 31.35 -32.37 -5.34
C SER C 193 31.49 -33.82 -5.83
N SER C 194 31.18 -34.78 -4.96
CA SER C 194 31.18 -36.21 -5.28
C SER C 194 30.05 -36.61 -6.25
N SER C 195 28.94 -35.90 -6.18
CA SER C 195 27.76 -36.17 -7.01
C SER C 195 27.80 -35.53 -8.41
N LEU C 196 28.93 -34.91 -8.75
CA LEU C 196 29.12 -34.23 -10.03
C LEU C 196 29.16 -35.16 -11.25
N GLY C 197 29.75 -36.34 -11.09
CA GLY C 197 29.85 -37.33 -12.16
C GLY C 197 28.73 -38.35 -12.20
N THR C 198 27.84 -38.30 -11.21
CA THR C 198 26.77 -39.29 -11.05
C THR C 198 25.36 -38.73 -11.30
N GLN C 199 25.15 -37.46 -10.94
CA GLN C 199 23.81 -36.85 -10.99
C GLN C 199 23.60 -35.90 -12.19
N THR C 200 22.37 -35.89 -12.69
CA THR C 200 21.98 -35.03 -13.81
C THR C 200 21.32 -33.76 -13.29
N TYR C 201 21.79 -32.62 -13.79
CA TYR C 201 21.25 -31.31 -13.40
C TYR C 201 20.74 -30.54 -14.62
N ILE C 202 19.43 -30.31 -14.64
CA ILE C 202 18.76 -29.60 -15.75
C ILE C 202 17.95 -28.43 -15.21
N CYS C 203 18.30 -27.22 -15.66
CA CYS C 203 17.50 -26.03 -15.38
C CYS C 203 16.39 -25.89 -16.41
N ASN C 204 15.19 -25.57 -15.92
CA ASN C 204 14.00 -25.42 -16.76
C ASN C 204 13.63 -23.95 -16.80
N VAL C 205 13.78 -23.36 -17.99
CA VAL C 205 13.48 -21.94 -18.18
C VAL C 205 12.22 -21.81 -19.04
N ASN C 206 11.25 -21.06 -18.52
CA ASN C 206 9.99 -20.81 -19.21
C ASN C 206 9.76 -19.31 -19.31
N HIS C 207 9.54 -18.85 -20.54
CA HIS C 207 9.26 -17.44 -20.82
C HIS C 207 7.99 -17.34 -21.66
N LYS C 208 6.87 -17.17 -20.96
CA LYS C 208 5.53 -17.15 -21.55
C LYS C 208 5.27 -16.10 -22.66
N PRO C 209 5.68 -14.82 -22.47
CA PRO C 209 5.40 -13.80 -23.51
C PRO C 209 5.93 -14.08 -24.92
N SER C 210 6.92 -14.97 -25.04
CA SER C 210 7.47 -15.37 -26.33
C SER C 210 7.30 -16.87 -26.64
N ASN C 211 6.60 -17.58 -25.74
CA ASN C 211 6.40 -19.05 -25.81
C ASN C 211 7.71 -19.86 -25.91
N THR C 212 8.67 -19.50 -25.06
CA THR C 212 9.99 -20.14 -25.03
C THR C 212 10.06 -21.16 -23.89
N LYS C 213 10.40 -22.41 -24.26
CA LYS C 213 10.62 -23.50 -23.31
C LYS C 213 12.02 -24.06 -23.53
N VAL C 214 12.88 -23.92 -22.52
CA VAL C 214 14.27 -24.40 -22.59
C VAL C 214 14.59 -25.29 -21.40
N ASP C 215 15.10 -26.49 -21.71
CA ASP C 215 15.70 -27.38 -20.72
C ASP C 215 17.17 -27.62 -21.12
N LYS C 216 18.08 -27.12 -20.27
CA LYS C 216 19.51 -27.21 -20.54
C LYS C 216 20.22 -28.03 -19.46
N LYS C 217 21.00 -29.02 -19.91
CA LYS C 217 21.82 -29.83 -19.02
C LYS C 217 23.13 -29.12 -18.70
N VAL C 218 23.46 -29.05 -17.41
CA VAL C 218 24.69 -28.43 -16.95
C VAL C 218 25.65 -29.54 -16.51
N GLU C 219 26.73 -29.69 -17.28
CA GLU C 219 27.74 -30.72 -17.04
C GLU C 219 29.11 -30.09 -16.77
N PRO C 220 30.02 -30.84 -16.11
CA PRO C 220 31.41 -30.37 -16.05
C PRO C 220 32.11 -30.52 -17.41
N LYS C 221 32.71 -29.44 -17.89
CA LYS C 221 33.39 -29.41 -19.20
C LYS C 221 34.89 -29.64 -19.08
C1 GOL D . 23.78 -10.67 -12.30
O1 GOL D . 24.94 -11.49 -12.16
C2 GOL D . 22.72 -11.50 -13.01
O2 GOL D . 22.77 -11.21 -14.43
C3 GOL D . 21.36 -11.12 -12.45
O3 GOL D . 20.85 -12.23 -11.72
#